data_5JMM
#
_entry.id   5JMM
#
_cell.length_a   54.400
_cell.length_b   81.220
_cell.length_c   58.170
_cell.angle_alpha   90.00
_cell.angle_beta   109.76
_cell.angle_gamma   90.00
#
_symmetry.space_group_name_H-M   'P 1 21 1'
#
loop_
_entity.id
_entity.type
_entity.pdbx_description
1 polymer 'Estrogen receptor'
2 polymer 'Estrogen receptor'
3 polymer 'Nuclear receptor coactivator 1'
4 non-polymer 5,7-dihydroxy-3-(4-methoxyphenyl)-4H-chromen-4-one
5 non-polymer GLYCEROL
6 non-polymer 1,2-ETHANEDIOL
7 water water
#
loop_
_entity_poly.entity_id
_entity_poly.type
_entity_poly.pdbx_seq_one_letter_code
_entity_poly.pdbx_strand_id
1 'polypeptide(L)'
;GSHMKKNSLALSLTADQMVSALLDAEPPILYSEYDPTRPFSEASMMGLLTNLADRELVHMINWAKRVPGFVDLTLHDQVH
LLE(CSO)AWLEILMIGLVWRSMEHPGKLLFAPNLLLDRNQGKCVEGMVEIFDMLLATSSRFRMMNLQGEEFVCLKSIIL
LNSGVYTFLSSTLKSLEEKDHIHRVLDKITDTLIHLMAKAGLTLQQQHQRLAQLLLILSHIRHMSNKGMEHLYSMKCKNV
VPLSDLLLEMLDAHRLHAP
;
A
2 'polypeptide(L)'
;GSHMKKNSLALSLTADQMVSALLDAEPPILYSEYDPTRPFSEASMMGLLTNLADRELVHMINWAKRVPGFVDLTLHDQVH
LLE(CSO)AWLEILMIGLVWRSMEHPGKLLFAPNLLLDRNQGKCVEGMVEIFDMLLATSSRFRMMNLQGEEFVCLKSIIL
LNSGVYTFLSSTLKSLEEKDHIHRVLDKITDTLIHLMAKAGLTLQQQHQRLAQLLLILSHIRHMSNKGMEHLYSMK
(CSO)KNVVPLSDLLLEMLDAHRLHAP
;
B
3 'polypeptide(L)' RHKILHRLLQEGS F,G
#
loop_
_chem_comp.id
_chem_comp.type
_chem_comp.name
_chem_comp.formula
EDO non-polymer 1,2-ETHANEDIOL 'C2 H6 O2'
GOL non-polymer GLYCEROL 'C3 H8 O3'
QSO non-polymer 5,7-dihydroxy-3-(4-methoxyphenyl)-4H-chromen-4-one 'C16 H12 O5'
#
# COMPACT_ATOMS: atom_id res chain seq x y z
N LEU A 9 12.40 8.22 24.61
CA LEU A 9 11.29 8.17 25.55
C LEU A 9 10.16 7.26 25.06
N ALA A 10 9.95 7.25 23.74
CA ALA A 10 8.89 6.43 23.18
C ALA A 10 9.19 4.95 23.34
N LEU A 11 10.47 4.57 23.25
CA LEU A 11 10.82 3.16 23.20
C LEU A 11 10.65 2.46 24.54
N SER A 12 10.50 3.22 25.64
CA SER A 12 10.35 2.63 26.96
C SER A 12 8.92 2.61 27.45
N LEU A 13 7.94 2.90 26.60
CA LEU A 13 6.56 2.78 27.00
C LEU A 13 6.14 1.32 27.00
N THR A 14 5.34 0.95 27.99
CA THR A 14 4.66 -0.33 27.96
C THR A 14 3.49 -0.28 26.98
N ALA A 15 2.92 -1.46 26.72
CA ALA A 15 1.83 -1.58 25.77
C ALA A 15 0.63 -0.76 26.22
N ASP A 16 0.28 -0.84 27.51
CA ASP A 16 -0.91 -0.13 27.97
C ASP A 16 -0.67 1.37 28.02
N GLN A 17 0.56 1.79 28.28
CA GLN A 17 0.89 3.21 28.22
C GLN A 17 0.85 3.73 26.79
N MET A 18 1.32 2.93 25.83
CA MET A 18 1.22 3.31 24.42
C MET A 18 -0.23 3.54 24.02
N VAL A 19 -1.12 2.59 24.35
CA VAL A 19 -2.53 2.73 24.00
C VAL A 19 -3.11 3.98 24.65
N SER A 20 -2.81 4.21 25.93
CA SER A 20 -3.32 5.38 26.62
C SER A 20 -2.85 6.67 25.96
N ALA A 21 -1.53 6.77 25.72
CA ALA A 21 -0.99 7.92 25.00
C ALA A 21 -1.72 8.15 23.68
N LEU A 22 -1.92 7.07 22.91
CA LEU A 22 -2.59 7.20 21.62
C LEU A 22 -4.06 7.58 21.79
N LEU A 23 -4.76 6.93 22.71
CA LEU A 23 -6.16 7.31 22.99
C LEU A 23 -6.26 8.75 23.49
N ASP A 24 -5.33 9.18 24.34
CA ASP A 24 -5.39 10.55 24.85
CA ASP A 24 -5.40 10.55 24.85
C ASP A 24 -5.15 11.58 23.76
N ALA A 25 -4.39 11.21 22.73
CA ALA A 25 -4.02 12.15 21.68
C ALA A 25 -5.03 12.22 20.54
N GLU A 26 -6.12 11.47 20.62
CA GLU A 26 -7.11 11.46 19.54
C GLU A 26 -7.59 12.88 19.22
N PRO A 27 -7.67 13.26 17.95
CA PRO A 27 -8.22 14.56 17.59
C PRO A 27 -9.74 14.55 17.67
N PRO A 28 -10.37 15.72 17.64
CA PRO A 28 -11.83 15.76 17.71
C PRO A 28 -12.46 15.46 16.35
N ILE A 29 -13.74 15.18 16.39
CA ILE A 29 -14.56 15.07 15.19
C ILE A 29 -15.16 16.44 14.91
N LEU A 30 -14.85 17.01 13.76
CA LEU A 30 -15.32 18.35 13.45
C LEU A 30 -16.63 18.29 12.67
N TYR A 31 -17.32 19.42 12.60
CA TYR A 31 -18.54 19.49 11.82
C TYR A 31 -18.24 20.05 10.44
N SER A 32 -19.12 19.70 9.49
CA SER A 32 -19.08 20.33 8.18
C SER A 32 -20.04 21.52 8.17
N GLU A 33 -19.98 22.29 7.09
CA GLU A 33 -20.91 23.39 6.93
C GLU A 33 -22.17 22.98 6.17
N TYR A 34 -22.41 21.68 6.03
CA TYR A 34 -23.58 21.19 5.31
C TYR A 34 -24.86 21.74 5.91
N ASP A 35 -25.76 22.17 5.03
CA ASP A 35 -27.08 22.69 5.39
C ASP A 35 -28.10 21.98 4.50
N PRO A 36 -28.95 21.11 5.04
CA PRO A 36 -29.90 20.37 4.19
C PRO A 36 -30.90 21.27 3.49
N THR A 37 -31.09 22.50 3.96
CA THR A 37 -32.00 23.44 3.34
C THR A 37 -31.36 24.19 2.18
N ARG A 38 -30.13 24.14 2.06
CA ARG A 38 -29.39 24.78 0.99
C ARG A 38 -29.20 23.79 -0.15
N PRO A 39 -29.39 24.21 -1.40
CA PRO A 39 -29.05 23.33 -2.53
C PRO A 39 -27.54 23.21 -2.66
N PHE A 40 -27.09 22.04 -3.07
CA PHE A 40 -25.69 21.84 -3.34
C PHE A 40 -25.51 21.27 -4.74
N SER A 41 -24.46 21.75 -5.42
CA SER A 41 -23.94 21.09 -6.59
C SER A 41 -22.89 20.07 -6.17
N GLU A 42 -22.49 19.22 -7.12
CA GLU A 42 -21.31 18.38 -6.91
C GLU A 42 -20.10 19.24 -6.58
N ALA A 43 -20.01 20.44 -7.15
CA ALA A 43 -18.92 21.36 -6.82
C ALA A 43 -18.93 21.72 -5.34
N SER A 44 -20.00 22.39 -4.88
CA SER A 44 -20.03 22.88 -3.51
C SER A 44 -20.00 21.73 -2.50
N MET A 45 -20.61 20.59 -2.84
CA MET A 45 -20.54 19.43 -1.97
C MET A 45 -19.11 18.97 -1.78
N MET A 46 -18.34 18.94 -2.88
CA MET A 46 -16.92 18.61 -2.76
C MET A 46 -16.18 19.70 -1.97
N GLY A 47 -16.60 20.95 -2.12
CA GLY A 47 -16.03 22.01 -1.31
C GLY A 47 -16.26 21.81 0.18
N LEU A 48 -17.39 21.19 0.55
CA LEU A 48 -17.61 20.85 1.95
C LEU A 48 -16.58 19.84 2.44
N LEU A 49 -16.24 18.86 1.60
CA LEU A 49 -15.24 17.89 2.01
C LEU A 49 -13.86 18.52 2.13
N THR A 50 -13.48 19.35 1.15
CA THR A 50 -12.13 19.94 1.18
C THR A 50 -12.01 21.00 2.28
N ASN A 51 -13.10 21.75 2.53
CA ASN A 51 -13.10 22.67 3.67
C ASN A 51 -12.92 21.91 4.98
N LEU A 52 -13.63 20.79 5.14
CA LEU A 52 -13.50 19.98 6.34
C LEU A 52 -12.10 19.40 6.47
N ALA A 53 -11.58 18.81 5.38
CA ALA A 53 -10.25 18.21 5.44
C ALA A 53 -9.19 19.22 5.85
N ASP A 54 -9.30 20.44 5.35
CA ASP A 54 -8.38 21.51 5.73
C ASP A 54 -8.39 21.74 7.24
N ARG A 55 -9.59 21.82 7.83
CA ARG A 55 -9.65 22.05 9.28
C ARG A 55 -9.19 20.83 10.07
N GLU A 56 -9.45 19.62 9.56
CA GLU A 56 -8.93 18.43 10.23
C GLU A 56 -7.40 18.39 10.20
N LEU A 57 -6.78 18.87 9.11
CA LEU A 57 -5.34 18.85 8.99
C LEU A 57 -4.65 19.58 10.14
N VAL A 58 -5.21 20.72 10.54
CA VAL A 58 -4.63 21.46 11.66
C VAL A 58 -4.62 20.59 12.91
N HIS A 59 -5.72 19.86 13.16
CA HIS A 59 -5.76 18.99 14.33
C HIS A 59 -4.88 17.77 14.14
N MET A 60 -4.74 17.30 12.89
CA MET A 60 -3.87 16.15 12.65
C MET A 60 -2.42 16.49 12.94
N ILE A 61 -1.99 17.67 12.51
CA ILE A 61 -0.61 18.10 12.75
C ILE A 61 -0.31 18.14 14.23
N ASN A 62 -1.25 18.66 15.02
CA ASN A 62 -1.00 18.69 16.46
CA ASN A 62 -1.05 18.70 16.47
C ASN A 62 -1.19 17.31 17.09
N TRP A 63 -2.03 16.44 16.52
CA TRP A 63 -2.09 15.06 17.01
C TRP A 63 -0.78 14.32 16.74
N ALA A 64 -0.14 14.59 15.59
CA ALA A 64 1.06 13.85 15.23
C ALA A 64 2.19 14.10 16.22
N LYS A 65 2.25 15.33 16.75
CA LYS A 65 3.23 15.64 17.79
C LYS A 65 3.09 14.74 19.00
N ARG A 66 1.89 14.22 19.23
CA ARG A 66 1.66 13.43 20.43
C ARG A 66 1.81 11.94 20.18
N VAL A 67 2.17 11.54 18.96
CA VAL A 67 2.41 10.15 18.63
C VAL A 67 3.79 9.78 19.15
N PRO A 68 3.90 8.83 20.08
CA PRO A 68 5.21 8.48 20.65
C PRO A 68 6.30 8.32 19.61
N GLY A 69 7.38 9.09 19.76
CA GLY A 69 8.50 9.03 18.85
C GLY A 69 8.48 10.05 17.73
N PHE A 70 7.33 10.66 17.43
CA PHE A 70 7.23 11.51 16.26
C PHE A 70 8.16 12.73 16.37
N VAL A 71 8.09 13.45 17.49
CA VAL A 71 8.90 14.66 17.61
C VAL A 71 10.37 14.37 17.85
N ASP A 72 10.75 13.11 18.05
CA ASP A 72 12.16 12.78 18.09
C ASP A 72 12.83 12.92 16.74
N LEU A 73 12.06 13.12 15.68
CA LEU A 73 12.55 13.25 14.32
C LEU A 73 12.81 14.72 13.97
N THR A 74 13.67 14.92 12.97
CA THR A 74 13.89 16.27 12.46
C THR A 74 12.60 16.83 11.91
N LEU A 75 12.51 18.17 11.96
CA LEU A 75 11.36 18.85 11.39
C LEU A 75 11.15 18.45 9.93
N HIS A 76 12.26 18.34 9.18
CA HIS A 76 12.20 17.94 7.78
CA HIS A 76 12.12 17.97 7.78
C HIS A 76 11.57 16.56 7.61
N ASP A 77 11.90 15.64 8.53
CA ASP A 77 11.33 14.29 8.47
C ASP A 77 9.87 14.28 8.93
N GLN A 78 9.53 15.08 9.95
CA GLN A 78 8.13 15.21 10.36
C GLN A 78 7.28 15.76 9.22
N VAL A 79 7.77 16.82 8.58
CA VAL A 79 7.09 17.39 7.41
C VAL A 79 6.86 16.31 6.37
N HIS A 80 7.92 15.56 6.04
CA HIS A 80 7.83 14.53 5.01
C HIS A 80 6.80 13.48 5.37
N LEU A 81 6.83 13.00 6.62
CA LEU A 81 5.88 11.96 7.01
C LEU A 81 4.44 12.44 6.86
N LEU A 82 4.15 13.70 7.20
CA LEU A 82 2.77 14.17 7.15
C LEU A 82 2.33 14.41 5.72
N GLU A 83 3.24 14.90 4.90
CA GLU A 83 2.97 15.10 3.49
C GLU A 83 2.63 13.79 2.84
N CSO A 84 3.35 12.73 3.18
CA CSO A 84 3.08 11.44 2.58
CA CSO A 84 3.09 11.43 2.60
CB CSO A 84 4.28 10.49 2.77
CB CSO A 84 4.28 10.49 2.84
SG CSO A 84 4.03 9.03 1.74
SG CSO A 84 5.61 10.95 1.71
C CSO A 84 1.79 10.81 3.12
O CSO A 84 1.01 10.24 2.35
OD CSO A 84 4.17 9.49 0.02
OD CSO A 84 5.10 10.66 0.01
N ALA A 85 1.53 10.96 4.41
CA ALA A 85 0.44 10.23 5.05
C ALA A 85 -0.90 10.94 5.26
N TRP A 86 -1.01 12.24 4.96
CA TRP A 86 -2.14 13.00 5.50
C TRP A 86 -3.49 12.44 5.04
N LEU A 87 -3.61 12.12 3.74
CA LEU A 87 -4.91 11.67 3.24
C LEU A 87 -5.24 10.26 3.72
N GLU A 88 -4.23 9.38 3.80
CA GLU A 88 -4.44 8.06 4.41
C GLU A 88 -5.01 8.20 5.81
N ILE A 89 -4.48 9.14 6.59
CA ILE A 89 -4.93 9.31 7.95
C ILE A 89 -6.34 9.86 7.99
N LEU A 90 -6.65 10.84 7.12
CA LEU A 90 -8.02 11.32 7.04
C LEU A 90 -8.98 10.19 6.66
N MET A 91 -8.56 9.34 5.72
CA MET A 91 -9.45 8.28 5.25
C MET A 91 -9.68 7.22 6.32
N ILE A 92 -8.63 6.83 7.04
CA ILE A 92 -8.86 5.79 8.05
C ILE A 92 -9.72 6.33 9.19
N GLY A 93 -9.56 7.61 9.53
CA GLY A 93 -10.48 8.23 10.45
C GLY A 93 -11.91 8.17 9.94
N LEU A 94 -12.09 8.46 8.65
CA LEU A 94 -13.43 8.41 8.05
C LEU A 94 -14.03 7.02 8.16
N VAL A 95 -13.29 5.99 7.74
CA VAL A 95 -13.91 4.67 7.74
C VAL A 95 -14.15 4.20 9.17
N TRP A 96 -13.29 4.61 10.12
CA TRP A 96 -13.54 4.26 11.52
C TRP A 96 -14.89 4.81 11.99
N ARG A 97 -15.12 6.11 11.80
CA ARG A 97 -16.36 6.67 12.33
C ARG A 97 -17.56 6.34 11.45
N SER A 98 -17.35 5.75 10.28
CA SER A 98 -18.45 5.27 9.44
C SER A 98 -18.81 3.82 9.72
N MET A 99 -18.09 3.16 10.62
CA MET A 99 -18.23 1.72 10.81
C MET A 99 -19.67 1.31 11.07
N GLU A 100 -20.30 1.95 12.05
CA GLU A 100 -21.67 1.61 12.45
C GLU A 100 -22.73 2.31 11.61
N HIS A 101 -22.39 2.77 10.40
CA HIS A 101 -23.37 3.34 9.48
C HIS A 101 -23.22 2.60 8.15
N PRO A 102 -23.75 1.37 8.08
CA PRO A 102 -23.53 0.54 6.89
C PRO A 102 -24.03 1.22 5.63
N GLY A 103 -23.18 1.26 4.62
CA GLY A 103 -23.57 1.86 3.36
C GLY A 103 -23.46 3.36 3.30
N LYS A 104 -22.89 4.00 4.34
CA LYS A 104 -22.76 5.44 4.36
C LYS A 104 -21.40 5.82 4.95
N LEU A 105 -20.98 7.04 4.63
CA LEU A 105 -19.73 7.62 5.10
C LEU A 105 -20.05 8.84 5.97
N LEU A 106 -19.72 8.77 7.26
CA LEU A 106 -19.95 9.87 8.20
C LEU A 106 -18.75 10.80 8.16
N PHE A 107 -18.73 11.68 7.16
CA PHE A 107 -17.68 12.69 7.08
C PHE A 107 -17.72 13.61 8.30
N ALA A 108 -18.92 13.97 8.74
CA ALA A 108 -19.14 14.75 9.95
C ALA A 108 -20.46 14.30 10.54
N PRO A 109 -20.72 14.55 11.83
CA PRO A 109 -22.02 14.16 12.39
C PRO A 109 -23.20 14.73 11.64
N ASN A 110 -23.01 15.88 10.98
CA ASN A 110 -24.06 16.51 10.19
C ASN A 110 -23.90 16.24 8.71
N LEU A 111 -22.97 15.36 8.33
CA LEU A 111 -22.70 15.06 6.92
C LEU A 111 -22.50 13.56 6.79
N LEU A 112 -23.59 12.84 6.62
CA LEU A 112 -23.57 11.39 6.45
C LEU A 112 -24.03 11.12 5.01
N LEU A 113 -23.13 10.62 4.17
CA LEU A 113 -23.40 10.48 2.75
C LEU A 113 -23.45 9.02 2.30
N ASP A 114 -24.30 8.77 1.31
CA ASP A 114 -24.35 7.46 0.67
C ASP A 114 -23.71 7.55 -0.72
N ARG A 115 -23.54 6.37 -1.32
CA ARG A 115 -22.99 6.31 -2.67
C ARG A 115 -23.81 7.15 -3.64
N ASN A 116 -25.13 7.23 -3.42
CA ASN A 116 -26.00 8.08 -4.22
C ASN A 116 -25.66 9.55 -4.05
N MET A 124 -15.05 10.35 -8.03
CA MET A 124 -15.50 10.51 -6.65
C MET A 124 -16.33 9.32 -6.20
N VAL A 125 -17.08 8.73 -7.13
CA VAL A 125 -17.87 7.54 -6.82
C VAL A 125 -16.97 6.36 -6.50
N GLU A 126 -15.88 6.18 -7.25
CA GLU A 126 -15.02 5.01 -7.05
C GLU A 126 -14.40 5.04 -5.66
N ILE A 127 -13.89 6.20 -5.24
CA ILE A 127 -13.28 6.30 -3.93
C ILE A 127 -14.30 5.99 -2.84
N PHE A 128 -15.53 6.52 -2.98
CA PHE A 128 -16.58 6.24 -2.00
C PHE A 128 -16.78 4.74 -1.83
N ASP A 129 -16.86 4.01 -2.95
CA ASP A 129 -17.07 2.57 -2.84
C ASP A 129 -15.89 1.89 -2.13
N MET A 130 -14.68 2.38 -2.36
CA MET A 130 -13.53 1.81 -1.66
C MET A 130 -13.58 2.11 -0.17
N LEU A 131 -13.91 3.35 0.19
CA LEU A 131 -14.03 3.68 1.61
C LEU A 131 -15.13 2.85 2.26
N LEU A 132 -16.26 2.69 1.56
CA LEU A 132 -17.36 1.85 2.06
C LEU A 132 -16.92 0.41 2.25
N ALA A 133 -16.12 -0.11 1.32
CA ALA A 133 -15.63 -1.48 1.45
C ALA A 133 -14.69 -1.62 2.63
N THR A 134 -13.84 -0.62 2.85
CA THR A 134 -12.90 -0.68 3.96
C THR A 134 -13.65 -0.64 5.28
N SER A 135 -14.66 0.23 5.41
CA SER A 135 -15.37 0.31 6.67
C SER A 135 -16.17 -0.97 6.90
N SER A 136 -16.78 -1.51 5.84
CA SER A 136 -17.39 -2.83 5.94
C SER A 136 -16.38 -3.86 6.45
N ARG A 137 -15.15 -3.81 5.94
CA ARG A 137 -14.13 -4.72 6.43
C ARG A 137 -13.84 -4.50 7.91
N PHE A 138 -13.68 -3.24 8.33
CA PHE A 138 -13.50 -2.96 9.76
C PHE A 138 -14.67 -3.51 10.57
N ARG A 139 -15.89 -3.41 10.04
CA ARG A 139 -17.07 -3.84 10.80
C ARG A 139 -17.09 -5.34 10.98
N MET A 140 -16.85 -6.09 9.89
CA MET A 140 -16.83 -7.55 9.96
C MET A 140 -15.65 -8.07 10.76
N MET A 141 -14.58 -7.28 10.92
CA MET A 141 -13.49 -7.63 11.83
C MET A 141 -13.78 -7.23 13.26
N ASN A 142 -14.80 -6.42 13.50
CA ASN A 142 -15.06 -5.83 14.81
C ASN A 142 -13.81 -5.10 15.31
N LEU A 143 -13.28 -4.24 14.44
CA LEU A 143 -12.09 -3.46 14.79
C LEU A 143 -12.32 -2.69 16.09
N GLN A 144 -11.34 -2.78 17.00
CA GLN A 144 -11.42 -2.15 18.31
C GLN A 144 -10.75 -0.79 18.29
N GLY A 145 -11.25 0.13 19.14
CA GLY A 145 -10.72 1.48 19.16
C GLY A 145 -9.23 1.51 19.47
N GLU A 146 -8.79 0.60 20.36
CA GLU A 146 -7.39 0.51 20.67
C GLU A 146 -6.58 0.10 19.44
N GLU A 147 -7.09 -0.84 18.64
CA GLU A 147 -6.42 -1.25 17.41
C GLU A 147 -6.38 -0.12 16.39
N PHE A 148 -7.48 0.62 16.27
CA PHE A 148 -7.56 1.73 15.32
C PHE A 148 -6.49 2.79 15.56
N VAL A 149 -6.30 3.21 16.82
CA VAL A 149 -5.32 4.26 17.05
C VAL A 149 -3.92 3.74 16.79
N CYS A 150 -3.71 2.43 16.98
CA CYS A 150 -2.43 1.81 16.63
C CYS A 150 -2.17 1.87 15.12
N LEU A 151 -3.16 1.44 14.31
CA LEU A 151 -3.06 1.50 12.86
C LEU A 151 -2.77 2.91 12.36
N LYS A 152 -3.48 3.90 12.90
CA LYS A 152 -3.32 5.27 12.43
C LYS A 152 -1.91 5.79 12.67
N SER A 153 -1.37 5.52 13.84
CA SER A 153 0.02 5.85 14.12
C SER A 153 0.98 5.09 13.23
N ILE A 154 0.66 3.83 12.89
CA ILE A 154 1.55 3.08 12.00
C ILE A 154 1.62 3.75 10.64
N ILE A 155 0.48 4.21 10.12
CA ILE A 155 0.46 4.87 8.82
C ILE A 155 1.34 6.12 8.83
N LEU A 156 1.21 6.93 9.88
CA LEU A 156 2.00 8.15 9.99
C LEU A 156 3.48 7.84 9.90
N LEU A 157 3.93 6.84 10.65
CA LEU A 157 5.36 6.55 10.72
C LEU A 157 5.82 5.74 9.53
N ASN A 158 4.95 4.90 8.97
CA ASN A 158 5.36 3.96 7.93
C ASN A 158 5.28 4.53 6.52
N SER A 159 4.35 5.42 6.21
CA SER A 159 4.01 5.61 4.80
C SER A 159 5.08 6.36 4.02
N GLY A 160 5.84 7.23 4.66
CA GLY A 160 6.93 7.93 4.00
C GLY A 160 8.33 7.51 4.40
N VAL A 161 8.50 6.44 5.19
CA VAL A 161 9.82 6.08 5.72
C VAL A 161 10.81 5.64 4.62
N TYR A 162 10.31 5.08 3.50
CA TYR A 162 11.20 4.64 2.43
C TYR A 162 11.32 5.66 1.30
N THR A 163 10.91 6.91 1.55
CA THR A 163 10.99 7.97 0.55
C THR A 163 11.80 9.17 1.05
N PHE A 164 12.57 9.00 2.13
CA PHE A 164 13.38 10.09 2.68
C PHE A 164 14.39 10.61 1.65
N LYS A 170 23.25 11.50 8.57
CA LYS A 170 22.68 10.16 8.53
C LYS A 170 21.17 10.20 8.79
N SER A 171 20.41 10.46 7.72
CA SER A 171 18.97 10.27 7.74
C SER A 171 18.66 8.78 7.89
N LEU A 172 19.71 7.96 7.94
CA LEU A 172 19.57 6.52 8.17
C LEU A 172 19.37 6.18 9.63
N GLU A 173 19.87 7.02 10.55
CA GLU A 173 19.51 6.88 11.96
C GLU A 173 18.02 7.14 12.17
N GLU A 174 17.47 8.15 11.48
CA GLU A 174 16.06 8.48 11.62
C GLU A 174 15.19 7.28 11.27
N LYS A 175 15.46 6.65 10.13
CA LYS A 175 14.71 5.48 9.70
C LYS A 175 14.77 4.39 10.75
N ASP A 176 15.91 4.23 11.43
CA ASP A 176 16.03 3.14 12.39
C ASP A 176 15.18 3.40 13.63
N HIS A 177 15.13 4.65 14.10
CA HIS A 177 14.25 4.96 15.21
C HIS A 177 12.80 4.70 14.84
N ILE A 178 12.40 5.08 13.61
CA ILE A 178 11.03 4.81 13.14
C ILE A 178 10.74 3.31 13.15
N HIS A 179 11.71 2.50 12.70
CA HIS A 179 11.51 1.05 12.69
C HIS A 179 11.32 0.52 14.12
N ARG A 180 12.09 1.04 15.08
CA ARG A 180 11.93 0.58 16.45
C ARG A 180 10.56 0.97 17.02
N VAL A 181 10.10 2.18 16.72
CA VAL A 181 8.78 2.59 17.20
C VAL A 181 7.69 1.72 16.58
N LEU A 182 7.81 1.46 15.28
CA LEU A 182 6.84 0.61 14.58
C LEU A 182 6.81 -0.80 15.16
N ASP A 183 7.98 -1.33 15.52
CA ASP A 183 8.01 -2.60 16.23
C ASP A 183 7.29 -2.50 17.56
N LYS A 184 7.50 -1.40 18.29
CA LYS A 184 6.80 -1.20 19.55
C LYS A 184 5.30 -1.26 19.35
N ILE A 185 4.78 -0.65 18.27
CA ILE A 185 3.35 -0.63 18.08
C ILE A 185 2.84 -2.01 17.66
N THR A 186 3.66 -2.78 16.95
CA THR A 186 3.29 -4.17 16.69
C THR A 186 3.13 -4.93 18.00
N ASP A 187 4.13 -4.81 18.89
CA ASP A 187 4.04 -5.40 20.22
C ASP A 187 2.73 -5.01 20.89
N THR A 188 2.33 -3.74 20.73
CA THR A 188 1.11 -3.25 21.35
C THR A 188 -0.13 -3.91 20.75
N LEU A 189 -0.18 -4.03 19.41
CA LEU A 189 -1.31 -4.70 18.78
C LEU A 189 -1.44 -6.14 19.27
N ILE A 190 -0.33 -6.87 19.31
CA ILE A 190 -0.36 -8.25 19.79
C ILE A 190 -0.85 -8.31 21.23
N HIS A 191 -0.29 -7.46 22.09
CA HIS A 191 -0.72 -7.41 23.49
C HIS A 191 -2.23 -7.21 23.60
N LEU A 192 -2.79 -6.27 22.82
CA LEU A 192 -4.23 -6.09 22.77
C LEU A 192 -4.95 -7.38 22.41
N MET A 193 -4.46 -8.08 21.39
CA MET A 193 -5.16 -9.26 20.91
C MET A 193 -5.06 -10.41 21.91
N ALA A 194 -3.90 -10.56 22.55
CA ALA A 194 -3.78 -11.55 23.62
C ALA A 194 -4.74 -11.23 24.77
N LYS A 195 -4.84 -9.96 25.15
CA LYS A 195 -5.79 -9.60 26.21
C LYS A 195 -7.22 -9.96 25.81
N ALA A 196 -7.56 -9.77 24.53
CA ALA A 196 -8.89 -10.15 24.07
C ALA A 196 -9.11 -11.67 24.04
N GLY A 197 -8.13 -12.47 24.41
CA GLY A 197 -8.30 -13.92 24.47
C GLY A 197 -8.05 -14.68 23.19
N LEU A 198 -7.48 -14.03 22.16
CA LEU A 198 -7.19 -14.74 20.92
C LEU A 198 -6.08 -15.77 21.11
N THR A 199 -6.20 -16.90 20.43
CA THR A 199 -5.06 -17.80 20.37
C THR A 199 -3.92 -17.13 19.61
N LEU A 200 -2.72 -17.69 19.77
CA LEU A 200 -1.56 -17.16 19.08
C LEU A 200 -1.74 -17.19 17.57
N GLN A 201 -2.30 -18.28 17.03
CA GLN A 201 -2.60 -18.30 15.60
C GLN A 201 -3.56 -17.19 15.22
N GLN A 202 -4.58 -16.96 16.06
CA GLN A 202 -5.53 -15.88 15.81
C GLN A 202 -4.89 -14.51 15.93
N GLN A 203 -3.99 -14.33 16.89
CA GLN A 203 -3.29 -13.06 17.00
C GLN A 203 -2.52 -12.75 15.72
N HIS A 204 -1.77 -13.73 15.21
CA HIS A 204 -0.98 -13.48 14.02
C HIS A 204 -1.87 -13.24 12.81
N GLN A 205 -2.97 -13.99 12.71
CA GLN A 205 -3.87 -13.83 11.57
C GLN A 205 -4.52 -12.45 11.58
N ARG A 206 -5.01 -12.03 12.75
CA ARG A 206 -5.66 -10.73 12.86
C ARG A 206 -4.66 -9.60 12.63
N LEU A 207 -3.42 -9.77 13.13
CA LEU A 207 -2.39 -8.78 12.88
C LEU A 207 -2.16 -8.60 11.40
N ALA A 208 -2.10 -9.72 10.67
CA ALA A 208 -1.90 -9.64 9.23
C ALA A 208 -3.12 -9.02 8.54
N GLN A 209 -4.32 -9.45 8.93
CA GLN A 209 -5.54 -8.85 8.38
C GLN A 209 -5.55 -7.34 8.59
N LEU A 210 -5.14 -6.88 9.77
CA LEU A 210 -5.12 -5.43 10.00
C LEU A 210 -4.07 -4.72 9.15
N LEU A 211 -2.88 -5.30 9.00
CA LEU A 211 -1.86 -4.61 8.22
C LEU A 211 -2.13 -4.67 6.72
N LEU A 212 -2.80 -5.72 6.25
CA LEU A 212 -3.13 -5.75 4.84
C LEU A 212 -4.11 -4.64 4.47
N ILE A 213 -4.94 -4.21 5.42
CA ILE A 213 -5.86 -3.12 5.14
C ILE A 213 -5.09 -1.84 4.83
N LEU A 214 -3.94 -1.65 5.46
CA LEU A 214 -3.12 -0.47 5.20
C LEU A 214 -2.71 -0.38 3.73
N SER A 215 -2.57 -1.51 3.04
CA SER A 215 -2.27 -1.44 1.62
CA SER A 215 -2.28 -1.46 1.62
C SER A 215 -3.46 -0.90 0.84
N HIS A 216 -4.68 -1.26 1.24
CA HIS A 216 -5.88 -0.72 0.60
C HIS A 216 -6.03 0.76 0.91
N ILE A 217 -5.64 1.17 2.11
CA ILE A 217 -5.74 2.58 2.47
C ILE A 217 -4.72 3.38 1.67
N ARG A 218 -3.51 2.85 1.50
CA ARG A 218 -2.55 3.54 0.65
C ARG A 218 -3.09 3.68 -0.76
N HIS A 219 -3.69 2.61 -1.28
CA HIS A 219 -4.29 2.66 -2.61
C HIS A 219 -5.33 3.77 -2.70
N MET A 220 -6.28 3.80 -1.76
CA MET A 220 -7.31 4.84 -1.77
C MET A 220 -6.70 6.24 -1.73
N SER A 221 -5.63 6.40 -0.96
CA SER A 221 -5.02 7.73 -0.84
C SER A 221 -4.43 8.17 -2.17
N ASN A 222 -3.72 7.26 -2.86
CA ASN A 222 -3.11 7.61 -4.15
C ASN A 222 -4.17 8.01 -5.15
N LYS A 223 -5.27 7.25 -5.20
CA LYS A 223 -6.36 7.59 -6.11
C LYS A 223 -6.96 8.95 -5.78
N GLY A 224 -7.21 9.21 -4.50
CA GLY A 224 -7.80 10.49 -4.11
C GLY A 224 -6.89 11.67 -4.41
N MET A 225 -5.58 11.51 -4.20
CA MET A 225 -4.62 12.55 -4.54
C MET A 225 -4.64 12.87 -6.03
N GLU A 226 -4.89 11.86 -6.88
CA GLU A 226 -5.00 12.13 -8.31
C GLU A 226 -6.29 12.89 -8.62
N HIS A 227 -7.40 12.54 -7.99
CA HIS A 227 -8.62 13.29 -8.21
C HIS A 227 -8.54 14.68 -7.59
N LEU A 228 -7.84 14.81 -6.46
CA LEU A 228 -7.60 16.12 -5.88
C LEU A 228 -6.84 17.01 -6.84
N TYR A 229 -5.81 16.46 -7.47
CA TYR A 229 -5.00 17.25 -8.39
C TYR A 229 -5.81 17.76 -9.57
N SER A 230 -6.64 16.90 -10.16
CA SER A 230 -7.47 17.33 -11.28
C SER A 230 -8.51 18.34 -10.85
N MET A 231 -9.05 18.19 -9.64
CA MET A 231 -9.94 19.20 -9.09
C MET A 231 -9.26 20.56 -9.03
N LYS A 232 -8.03 20.60 -8.55
CA LYS A 232 -7.24 21.83 -8.59
C LYS A 232 -7.16 22.39 -10.00
N CYS A 233 -6.81 21.54 -10.97
CA CYS A 233 -6.68 22.01 -12.35
C CYS A 233 -7.99 22.56 -12.88
N LYS A 234 -9.12 21.91 -12.57
CA LYS A 234 -10.40 22.42 -13.04
C LYS A 234 -10.75 23.77 -12.41
N ASN A 235 -10.18 24.06 -11.24
CA ASN A 235 -10.36 25.34 -10.55
C ASN A 235 -11.83 25.68 -10.39
N VAL A 236 -12.62 24.70 -9.99
CA VAL A 236 -14.03 24.91 -9.66
C VAL A 236 -14.30 24.65 -8.20
N VAL A 237 -13.62 23.68 -7.60
CA VAL A 237 -13.72 23.40 -6.17
C VAL A 237 -12.63 24.20 -5.46
N PRO A 238 -12.96 25.03 -4.49
CA PRO A 238 -11.92 25.76 -3.76
C PRO A 238 -11.07 24.80 -2.95
N LEU A 239 -9.79 25.13 -2.85
CA LEU A 239 -8.82 24.35 -2.09
C LEU A 239 -7.96 25.32 -1.31
N SER A 240 -7.80 25.05 -0.02
CA SER A 240 -7.07 25.93 0.87
C SER A 240 -5.57 25.91 0.58
N ASP A 241 -4.88 26.94 1.05
CA ASP A 241 -3.43 27.01 0.85
C ASP A 241 -2.72 25.79 1.42
N LEU A 242 -3.13 25.33 2.60
CA LEU A 242 -2.47 24.15 3.18
C LEU A 242 -2.74 22.91 2.34
N LEU A 243 -3.97 22.76 1.86
CA LEU A 243 -4.32 21.59 1.07
C LEU A 243 -3.54 21.56 -0.25
N LEU A 244 -3.38 22.71 -0.91
CA LEU A 244 -2.60 22.76 -2.13
C LEU A 244 -1.14 22.38 -1.85
N GLU A 245 -0.56 22.90 -0.76
CA GLU A 245 0.81 22.59 -0.40
CA GLU A 245 0.81 22.59 -0.44
C GLU A 245 1.00 21.11 -0.13
N MET A 246 0.07 20.50 0.61
CA MET A 246 0.12 19.05 0.80
C MET A 246 0.06 18.37 -0.55
N LEU A 247 -0.85 18.82 -1.41
CA LEU A 247 -1.02 18.23 -2.72
C LEU A 247 0.26 18.32 -3.54
N ASP A 248 0.94 19.47 -3.49
CA ASP A 248 2.17 19.64 -4.26
C ASP A 248 3.26 18.68 -3.80
N ALA A 249 3.26 18.31 -2.51
CA ALA A 249 4.26 17.37 -2.01
C ALA A 249 4.22 16.04 -2.75
N HIS A 250 3.05 15.64 -3.26
CA HIS A 250 2.92 14.44 -4.06
CA HIS A 250 2.91 14.44 -4.06
C HIS A 250 3.19 14.67 -5.54
N ARG A 251 3.56 15.90 -5.93
CA ARG A 251 3.79 16.27 -7.32
C ARG A 251 2.57 15.95 -8.18
N ASN B 7 -15.50 -25.62 -2.35
CA ASN B 7 -14.63 -26.04 -1.25
C ASN B 7 -13.18 -26.34 -1.68
N SER B 8 -12.26 -25.54 -1.16
CA SER B 8 -10.94 -25.38 -1.75
C SER B 8 -9.90 -26.37 -1.20
N LEU B 9 -9.11 -26.96 -2.09
CA LEU B 9 -7.98 -27.78 -1.68
C LEU B 9 -6.90 -26.96 -0.95
N ALA B 10 -6.79 -25.67 -1.28
CA ALA B 10 -5.79 -24.81 -0.65
C ALA B 10 -5.84 -24.89 0.87
N LEU B 11 -7.04 -24.94 1.44
CA LEU B 11 -7.15 -24.87 2.90
C LEU B 11 -6.72 -26.16 3.57
N SER B 12 -6.75 -27.29 2.86
CA SER B 12 -6.33 -28.56 3.44
C SER B 12 -4.82 -28.80 3.32
N LEU B 13 -4.09 -27.95 2.61
CA LEU B 13 -2.65 -28.10 2.54
C LEU B 13 -1.99 -27.84 3.88
N THR B 14 -0.95 -28.62 4.19
CA THR B 14 -0.07 -28.28 5.29
C THR B 14 0.79 -27.06 4.94
N ALA B 15 1.46 -26.52 5.96
CA ALA B 15 2.32 -25.37 5.73
C ALA B 15 3.46 -25.69 4.76
N ASP B 16 4.10 -26.85 4.96
CA ASP B 16 5.20 -27.24 4.07
C ASP B 16 4.71 -27.47 2.65
N GLN B 17 3.49 -28.02 2.50
CA GLN B 17 2.88 -28.19 1.19
C GLN B 17 2.56 -26.86 0.51
N MET B 18 2.04 -25.89 1.29
CA MET B 18 1.82 -24.54 0.75
C MET B 18 3.14 -23.95 0.25
N VAL B 19 4.19 -24.03 1.07
CA VAL B 19 5.50 -23.54 0.64
C VAL B 19 5.97 -24.23 -0.64
N SER B 20 5.80 -25.56 -0.71
CA SER B 20 6.26 -26.29 -1.90
C SER B 20 5.42 -25.97 -3.12
N ALA B 21 4.11 -25.82 -2.96
CA ALA B 21 3.30 -25.41 -4.10
C ALA B 21 3.78 -24.07 -4.65
N LEU B 22 4.08 -23.12 -3.75
CA LEU B 22 4.48 -21.78 -4.18
C LEU B 22 5.89 -21.78 -4.78
N LEU B 23 6.83 -22.46 -4.15
CA LEU B 23 8.16 -22.56 -4.75
C LEU B 23 8.08 -23.16 -6.15
N ASP B 24 7.31 -24.24 -6.30
CA ASP B 24 7.23 -24.92 -7.59
C ASP B 24 6.48 -24.09 -8.64
N ALA B 25 5.59 -23.20 -8.22
CA ALA B 25 4.86 -22.37 -9.16
C ALA B 25 5.69 -21.23 -9.72
N GLU B 26 6.84 -20.94 -9.10
CA GLU B 26 7.62 -19.75 -9.42
C GLU B 26 7.84 -19.65 -10.93
N PRO B 27 7.64 -18.49 -11.53
CA PRO B 27 7.95 -18.32 -12.93
C PRO B 27 9.45 -18.18 -13.11
N PRO B 28 9.97 -18.31 -14.32
CA PRO B 28 11.41 -18.13 -14.55
C PRO B 28 11.83 -16.66 -14.58
N ILE B 29 13.14 -16.46 -14.46
CA ILE B 29 13.76 -15.17 -14.66
C ILE B 29 14.03 -14.99 -16.15
N LEU B 30 13.32 -14.04 -16.77
CA LEU B 30 13.45 -13.84 -18.20
C LEU B 30 14.61 -12.89 -18.49
N TYR B 31 15.08 -12.93 -19.73
CA TYR B 31 16.15 -12.07 -20.21
C TYR B 31 15.57 -10.94 -21.03
N SER B 32 16.27 -9.81 -21.04
CA SER B 32 15.99 -8.75 -21.99
C SER B 32 16.62 -9.11 -23.33
N GLU B 33 16.29 -8.34 -24.36
CA GLU B 33 16.97 -8.49 -25.63
C GLU B 33 18.47 -8.23 -25.45
N TYR B 34 19.29 -8.97 -26.19
CA TYR B 34 20.73 -9.05 -25.92
C TYR B 34 21.53 -7.96 -26.62
N ASP B 35 21.04 -6.74 -26.64
CA ASP B 35 21.87 -5.71 -27.21
C ASP B 35 22.83 -5.16 -26.17
N PRO B 36 24.11 -4.94 -26.53
CA PRO B 36 25.08 -4.48 -25.53
C PRO B 36 25.17 -2.96 -25.43
N THR B 37 24.08 -2.26 -25.67
CA THR B 37 24.00 -0.83 -25.41
C THR B 37 23.27 -0.64 -24.09
N ARG B 38 23.95 -0.05 -23.12
CA ARG B 38 23.24 0.42 -21.93
C ARG B 38 22.21 1.43 -22.40
N PRO B 39 20.92 1.14 -22.24
CA PRO B 39 19.89 2.07 -22.73
C PRO B 39 20.00 3.43 -22.06
N PHE B 40 19.93 4.50 -22.87
CA PHE B 40 20.08 5.86 -22.36
C PHE B 40 19.09 6.83 -23.00
N SER B 41 17.98 6.34 -23.52
CA SER B 41 16.94 7.19 -24.04
C SER B 41 15.61 6.67 -23.53
N GLU B 42 14.61 7.56 -23.57
CA GLU B 42 13.26 7.15 -23.20
C GLU B 42 12.80 5.97 -24.06
N ALA B 43 13.00 6.07 -25.37
CA ALA B 43 12.45 5.06 -26.27
C ALA B 43 13.12 3.70 -26.07
N SER B 44 14.45 3.65 -25.97
CA SER B 44 15.13 2.37 -25.80
C SER B 44 14.87 1.78 -24.43
N MET B 45 14.90 2.62 -23.40
CA MET B 45 14.55 2.16 -22.05
C MET B 45 13.13 1.60 -22.00
N MET B 46 12.15 2.41 -22.40
CA MET B 46 10.75 1.96 -22.40
CA MET B 46 10.76 1.95 -22.39
C MET B 46 10.53 0.79 -23.34
N GLY B 47 11.28 0.74 -24.45
CA GLY B 47 11.17 -0.41 -25.34
C GLY B 47 11.50 -1.71 -24.63
N LEU B 48 12.65 -1.73 -23.94
CA LEU B 48 13.13 -2.96 -23.31
C LEU B 48 12.25 -3.35 -22.12
N LEU B 49 11.78 -2.36 -21.37
CA LEU B 49 11.01 -2.65 -20.19
C LEU B 49 9.61 -3.15 -20.54
N THR B 50 8.94 -2.51 -21.53
CA THR B 50 7.60 -2.99 -21.86
C THR B 50 7.65 -4.33 -22.57
N ASN B 51 8.69 -4.58 -23.38
CA ASN B 51 8.87 -5.93 -23.93
C ASN B 51 9.05 -6.94 -22.82
N LEU B 52 9.89 -6.61 -21.83
CA LEU B 52 10.10 -7.51 -20.70
C LEU B 52 8.81 -7.73 -19.91
N ALA B 53 8.12 -6.65 -19.56
CA ALA B 53 6.85 -6.80 -18.85
C ALA B 53 5.87 -7.67 -19.64
N ASP B 54 5.75 -7.43 -20.93
CA ASP B 54 4.81 -8.23 -21.70
CA ASP B 54 4.84 -8.24 -21.76
C ASP B 54 5.07 -9.72 -21.54
N ARG B 55 6.33 -10.15 -21.67
CA ARG B 55 6.66 -11.57 -21.58
C ARG B 55 6.47 -12.09 -20.14
N GLU B 56 6.82 -11.28 -19.14
CA GLU B 56 6.62 -11.67 -17.74
C GLU B 56 5.14 -11.83 -17.41
N LEU B 57 4.31 -10.99 -18.01
CA LEU B 57 2.86 -11.07 -17.76
C LEU B 57 2.30 -12.43 -18.17
N VAL B 58 2.79 -13.00 -19.28
CA VAL B 58 2.29 -14.30 -19.71
C VAL B 58 2.65 -15.36 -18.68
N HIS B 59 3.87 -15.31 -18.14
CA HIS B 59 4.25 -16.23 -17.06
C HIS B 59 3.50 -15.93 -15.77
N MET B 60 3.27 -14.66 -15.46
CA MET B 60 2.56 -14.34 -14.23
C MET B 60 1.17 -14.95 -14.25
N ILE B 61 0.49 -14.88 -15.40
CA ILE B 61 -0.86 -15.42 -15.51
C ILE B 61 -0.86 -16.91 -15.22
N ASN B 62 0.14 -17.64 -15.74
CA ASN B 62 0.18 -19.07 -15.47
CA ASN B 62 0.24 -19.07 -15.48
C ASN B 62 0.75 -19.37 -14.08
N TRP B 63 1.54 -18.46 -13.50
CA TRP B 63 1.89 -18.61 -12.09
C TRP B 63 0.65 -18.47 -11.20
N ALA B 64 -0.18 -17.47 -11.47
CA ALA B 64 -1.33 -17.20 -10.61
C ALA B 64 -2.27 -18.40 -10.55
N LYS B 65 -2.46 -19.10 -11.68
CA LYS B 65 -3.31 -20.27 -11.67
C LYS B 65 -2.77 -21.40 -10.80
N ARG B 66 -1.49 -21.35 -10.46
CA ARG B 66 -0.89 -22.36 -9.61
C ARG B 66 -0.78 -21.93 -8.15
N VAL B 67 -1.28 -20.74 -7.80
CA VAL B 67 -1.29 -20.31 -6.40
C VAL B 67 -2.50 -20.98 -5.75
N PRO B 68 -2.32 -21.78 -4.68
CA PRO B 68 -3.46 -22.53 -4.14
C PRO B 68 -4.58 -21.59 -3.76
N GLY B 69 -5.79 -21.92 -4.19
CA GLY B 69 -6.94 -21.09 -3.93
C GLY B 69 -7.31 -20.16 -5.07
N PHE B 70 -6.38 -19.87 -5.97
CA PHE B 70 -6.67 -18.88 -7.01
C PHE B 70 -7.67 -19.42 -8.02
N VAL B 71 -7.45 -20.65 -8.51
CA VAL B 71 -8.38 -21.18 -9.51
C VAL B 71 -9.72 -21.58 -8.92
N ASP B 72 -9.89 -21.54 -7.59
CA ASP B 72 -11.22 -21.75 -7.03
C ASP B 72 -12.12 -20.53 -7.20
N LEU B 73 -11.54 -19.38 -7.52
CA LEU B 73 -12.31 -18.18 -7.81
C LEU B 73 -12.96 -18.27 -9.19
N THR B 74 -14.01 -17.47 -9.40
CA THR B 74 -14.54 -17.35 -10.75
C THR B 74 -13.50 -16.67 -11.65
N LEU B 75 -13.61 -16.94 -12.96
CA LEU B 75 -12.75 -16.29 -13.93
C LEU B 75 -12.78 -14.77 -13.78
N HIS B 76 -13.94 -14.21 -13.45
CA HIS B 76 -14.04 -12.77 -13.31
CA HIS B 76 -14.08 -12.76 -13.29
C HIS B 76 -13.26 -12.26 -12.11
N ASP B 77 -13.25 -13.02 -11.02
CA ASP B 77 -12.48 -12.60 -9.86
C ASP B 77 -10.99 -12.77 -10.11
N GLN B 78 -10.62 -13.83 -10.85
CA GLN B 78 -9.23 -14.01 -11.25
C GLN B 78 -8.75 -12.83 -12.09
N VAL B 79 -9.56 -12.42 -13.06
CA VAL B 79 -9.21 -11.27 -13.91
C VAL B 79 -9.00 -10.03 -13.06
N HIS B 80 -9.93 -9.79 -12.13
CA HIS B 80 -9.88 -8.56 -11.36
C HIS B 80 -8.64 -8.52 -10.48
N LEU B 81 -8.30 -9.65 -9.86
CA LEU B 81 -7.13 -9.68 -8.99
C LEU B 81 -5.85 -9.44 -9.78
N LEU B 82 -5.74 -10.07 -10.95
CA LEU B 82 -4.53 -9.90 -11.75
C LEU B 82 -4.45 -8.49 -12.29
N GLU B 83 -5.57 -7.95 -12.77
CA GLU B 83 -5.61 -6.58 -13.24
C GLU B 83 -5.15 -5.61 -12.16
N CSO B 84 -5.60 -5.84 -10.93
CA CSO B 84 -5.25 -4.95 -9.81
CA CSO B 84 -5.24 -4.96 -9.80
CB CSO B 84 -6.20 -5.19 -8.63
CB CSO B 84 -6.13 -5.23 -8.58
SG CSO B 84 -5.85 -4.05 -7.27
SG CSO B 84 -7.74 -4.48 -8.87
C CSO B 84 -3.78 -5.11 -9.39
O CSO B 84 -3.11 -4.13 -9.08
OD CSO B 84 -6.40 -2.38 -7.69
OD CSO B 84 -7.58 -2.70 -8.92
N ALA B 85 -3.29 -6.33 -9.42
CA ALA B 85 -1.99 -6.62 -8.80
C ALA B 85 -0.78 -6.68 -9.72
N TRP B 86 -0.97 -6.69 -11.04
CA TRP B 86 0.13 -7.15 -11.89
C TRP B 86 1.40 -6.32 -11.70
N LEU B 87 1.27 -5.00 -11.54
CA LEU B 87 2.49 -4.20 -11.49
C LEU B 87 3.20 -4.36 -10.14
N GLU B 88 2.44 -4.40 -9.04
CA GLU B 88 2.99 -4.78 -7.74
C GLU B 88 3.77 -6.09 -7.83
N ILE B 89 3.19 -7.09 -8.51
CA ILE B 89 3.85 -8.40 -8.62
C ILE B 89 5.11 -8.30 -9.46
N LEU B 90 5.07 -7.57 -10.58
CA LEU B 90 6.31 -7.34 -11.32
C LEU B 90 7.35 -6.67 -10.42
N MET B 91 6.91 -5.70 -9.62
CA MET B 91 7.84 -4.88 -8.84
C MET B 91 8.47 -5.67 -7.69
N ILE B 92 7.67 -6.45 -6.95
CA ILE B 92 8.28 -7.21 -5.87
C ILE B 92 9.24 -8.26 -6.40
N GLY B 93 8.94 -8.84 -7.57
CA GLY B 93 9.91 -9.70 -8.24
C GLY B 93 11.21 -8.97 -8.55
N LEU B 94 11.10 -7.80 -9.17
CA LEU B 94 12.28 -6.98 -9.44
C LEU B 94 13.09 -6.73 -8.18
N VAL B 95 12.43 -6.27 -7.12
CA VAL B 95 13.11 -5.97 -5.86
CA VAL B 95 13.17 -5.95 -5.91
C VAL B 95 13.78 -7.22 -5.31
N TRP B 96 13.08 -8.36 -5.38
CA TRP B 96 13.66 -9.60 -4.85
C TRP B 96 14.93 -10.01 -5.60
N ARG B 97 14.90 -9.98 -6.93
CA ARG B 97 16.11 -10.40 -7.62
C ARG B 97 17.17 -9.31 -7.68
N SER B 98 16.84 -8.07 -7.30
CA SER B 98 17.84 -7.02 -7.13
C SER B 98 18.49 -7.02 -5.75
N MET B 99 18.07 -7.91 -4.85
CA MET B 99 18.51 -7.83 -3.46
C MET B 99 20.02 -7.88 -3.34
N GLU B 100 20.66 -8.84 -4.01
CA GLU B 100 22.10 -9.04 -3.91
C GLU B 100 22.90 -8.08 -4.79
N HIS B 101 22.28 -7.04 -5.34
CA HIS B 101 22.97 -6.06 -6.19
C HIS B 101 22.72 -4.65 -5.70
N PRO B 102 23.28 -4.28 -4.53
CA PRO B 102 23.01 -2.96 -3.96
C PRO B 102 23.25 -1.83 -4.95
N GLY B 103 22.35 -0.84 -4.93
CA GLY B 103 22.43 0.26 -5.88
C GLY B 103 22.00 -0.06 -7.29
N LYS B 104 21.67 -1.31 -7.61
CA LYS B 104 21.28 -1.68 -8.96
C LYS B 104 19.89 -2.30 -8.97
N LEU B 105 19.21 -2.21 -10.11
CA LEU B 105 17.96 -2.92 -10.34
C LEU B 105 18.16 -3.94 -11.45
N LEU B 106 18.03 -5.22 -11.10
CA LEU B 106 18.21 -6.33 -12.04
C LEU B 106 16.88 -6.61 -12.76
N PHE B 107 16.57 -5.79 -13.75
CA PHE B 107 15.34 -6.04 -14.51
C PHE B 107 15.41 -7.40 -15.18
N ALA B 108 16.61 -7.79 -15.62
CA ALA B 108 16.91 -9.11 -16.17
C ALA B 108 18.40 -9.33 -15.98
N PRO B 109 18.85 -10.59 -16.00
CA PRO B 109 20.30 -10.82 -15.77
C PRO B 109 21.21 -10.03 -16.70
N ASN B 110 20.73 -9.68 -17.90
CA ASN B 110 21.48 -8.88 -18.86
C ASN B 110 20.91 -7.46 -18.99
N LEU B 111 20.13 -7.00 -17.99
CA LEU B 111 19.58 -5.64 -17.94
C LEU B 111 19.62 -5.17 -16.49
N LEU B 112 20.78 -4.66 -16.08
CA LEU B 112 21.02 -4.15 -14.73
C LEU B 112 21.12 -2.63 -14.83
N LEU B 113 20.16 -1.92 -14.23
CA LEU B 113 20.09 -0.47 -14.36
C LEU B 113 20.39 0.19 -13.02
N ASP B 114 20.92 1.41 -13.07
CA ASP B 114 21.04 2.22 -11.86
C ASP B 114 20.22 3.49 -12.02
N ARG B 115 20.18 4.30 -10.96
CA ARG B 115 19.24 5.42 -10.96
C ARG B 115 19.59 6.44 -12.03
N ASN B 116 20.88 6.58 -12.36
CA ASN B 116 21.31 7.45 -13.44
C ASN B 116 20.58 7.17 -14.75
N GLN B 117 20.21 5.91 -15.00
CA GLN B 117 19.44 5.61 -16.19
C GLN B 117 17.95 5.86 -16.00
N GLY B 118 17.46 5.84 -14.76
CA GLY B 118 16.10 6.25 -14.49
C GLY B 118 15.80 7.68 -14.90
N LYS B 119 16.83 8.50 -15.15
CA LYS B 119 16.61 9.89 -15.52
C LYS B 119 16.05 10.03 -16.93
N CYS B 120 16.38 9.09 -17.82
CA CYS B 120 16.01 9.24 -19.22
C CYS B 120 14.52 9.08 -19.46
N VAL B 121 13.79 8.45 -18.55
CA VAL B 121 12.34 8.34 -18.67
C VAL B 121 11.71 9.23 -17.61
N GLU B 122 10.67 9.95 -18.00
CA GLU B 122 10.07 10.98 -17.16
C GLU B 122 9.39 10.33 -15.97
N GLY B 123 9.92 10.58 -14.77
CA GLY B 123 9.33 10.07 -13.55
C GLY B 123 9.92 8.78 -13.03
N MET B 124 10.77 8.11 -13.80
CA MET B 124 11.26 6.80 -13.38
C MET B 124 12.35 6.88 -12.32
N VAL B 125 13.09 7.99 -12.24
CA VAL B 125 14.12 8.07 -11.21
C VAL B 125 13.50 8.03 -9.82
N GLU B 126 12.29 8.56 -9.65
CA GLU B 126 11.60 8.48 -8.37
C GLU B 126 11.13 7.05 -8.10
N ILE B 127 10.63 6.35 -9.12
CA ILE B 127 10.27 4.95 -8.92
C ILE B 127 11.51 4.10 -8.75
N PHE B 128 12.56 4.40 -9.53
CA PHE B 128 13.81 3.69 -9.34
C PHE B 128 14.32 3.84 -7.91
N ASP B 129 14.29 5.07 -7.39
CA ASP B 129 14.79 5.29 -6.02
C ASP B 129 13.98 4.52 -5.00
N MET B 130 12.65 4.47 -5.19
CA MET B 130 11.78 3.70 -4.30
C MET B 130 12.08 2.21 -4.38
N LEU B 131 12.20 1.71 -5.62
CA LEU B 131 12.52 0.30 -5.83
C LEU B 131 13.82 -0.08 -5.14
N LEU B 132 14.87 0.72 -5.34
CA LEU B 132 16.15 0.44 -4.70
C LEU B 132 16.03 0.42 -3.18
N ALA B 133 15.27 1.38 -2.62
CA ALA B 133 15.10 1.42 -1.17
C ALA B 133 14.38 0.18 -0.67
N THR B 134 13.37 -0.30 -1.43
CA THR B 134 12.70 -1.53 -1.03
C THR B 134 13.64 -2.71 -1.11
N SER B 135 14.46 -2.75 -2.16
CA SER B 135 15.40 -3.85 -2.30
C SER B 135 16.37 -3.87 -1.12
N SER B 136 16.90 -2.70 -0.77
CA SER B 136 17.84 -2.61 0.34
C SER B 136 17.19 -3.03 1.64
N ARG B 137 15.95 -2.59 1.87
CA ARG B 137 15.22 -3.02 3.06
C ARG B 137 15.10 -4.54 3.10
N PHE B 138 14.74 -5.14 1.96
CA PHE B 138 14.65 -6.59 1.90
C PHE B 138 15.99 -7.24 2.20
N ARG B 139 17.08 -6.67 1.69
CA ARG B 139 18.41 -7.21 1.98
C ARG B 139 18.72 -7.10 3.47
N MET B 140 18.44 -5.94 4.08
CA MET B 140 18.77 -5.77 5.49
C MET B 140 17.94 -6.67 6.38
N MET B 141 16.75 -7.06 5.94
CA MET B 141 15.97 -8.03 6.70
C MET B 141 16.33 -9.48 6.41
N ASN B 142 17.28 -9.73 5.52
CA ASN B 142 17.61 -11.09 5.09
CA ASN B 142 17.60 -11.11 5.14
C ASN B 142 16.36 -11.85 4.69
N LEU B 143 15.58 -11.22 3.80
CA LEU B 143 14.37 -11.87 3.30
C LEU B 143 14.73 -13.18 2.62
N GLN B 144 14.00 -14.24 2.96
CA GLN B 144 14.21 -15.57 2.40
C GLN B 144 13.27 -15.83 1.23
N GLY B 145 13.69 -16.73 0.32
CA GLY B 145 12.91 -17.00 -0.88
C GLY B 145 11.54 -17.58 -0.57
N GLU B 146 11.45 -18.43 0.45
CA GLU B 146 10.16 -18.94 0.92
C GLU B 146 9.28 -17.81 1.46
N GLU B 147 9.89 -16.83 2.11
CA GLU B 147 9.11 -15.66 2.54
C GLU B 147 8.67 -14.84 1.34
N PHE B 148 9.57 -14.63 0.38
CA PHE B 148 9.24 -13.87 -0.82
C PHE B 148 8.01 -14.44 -1.54
N VAL B 149 7.97 -15.77 -1.78
CA VAL B 149 6.82 -16.33 -2.50
C VAL B 149 5.52 -16.18 -1.73
N CYS B 150 5.55 -16.27 -0.38
CA CYS B 150 4.33 -16.00 0.39
C CYS B 150 3.83 -14.56 0.17
N LEU B 151 4.75 -13.59 0.22
CA LEU B 151 4.37 -12.18 0.06
C LEU B 151 3.79 -11.89 -1.31
N LYS B 152 4.35 -12.50 -2.35
CA LYS B 152 3.87 -12.26 -3.72
C LYS B 152 2.46 -12.81 -3.89
N SER B 153 2.20 -13.98 -3.31
CA SER B 153 0.86 -14.55 -3.31
CA SER B 153 0.86 -14.55 -3.33
C SER B 153 -0.12 -13.70 -2.50
N ILE B 154 0.34 -13.16 -1.37
CA ILE B 154 -0.49 -12.25 -0.58
C ILE B 154 -0.92 -11.05 -1.42
N ILE B 155 0.01 -10.47 -2.17
CA ILE B 155 -0.29 -9.33 -3.03
C ILE B 155 -1.38 -9.68 -4.04
N LEU B 156 -1.22 -10.85 -4.68
CA LEU B 156 -2.19 -11.30 -5.68
C LEU B 156 -3.59 -11.39 -5.10
N LEU B 157 -3.73 -12.04 -3.94
CA LEU B 157 -5.06 -12.27 -3.37
C LEU B 157 -5.60 -11.03 -2.68
N ASN B 158 -4.72 -10.18 -2.13
CA ASN B 158 -5.17 -9.07 -1.30
C ASN B 158 -5.49 -7.81 -2.09
N SER B 159 -4.73 -7.51 -3.13
CA SER B 159 -4.72 -6.12 -3.59
C SER B 159 -6.07 -5.73 -4.19
N GLY B 160 -6.78 -6.66 -4.81
CA GLY B 160 -8.12 -6.40 -5.29
C GLY B 160 -9.26 -6.97 -4.45
N VAL B 161 -8.99 -7.50 -3.26
CA VAL B 161 -10.02 -8.25 -2.54
C VAL B 161 -11.15 -7.34 -2.08
N TYR B 162 -10.84 -6.11 -1.65
CA TYR B 162 -11.89 -5.25 -1.11
C TYR B 162 -12.63 -4.47 -2.18
N THR B 163 -12.10 -4.43 -3.41
CA THR B 163 -12.87 -3.92 -4.53
C THR B 163 -13.77 -5.03 -5.07
N PHE B 164 -14.23 -5.90 -4.18
CA PHE B 164 -15.26 -6.90 -4.47
C PHE B 164 -16.59 -6.47 -3.86
N LYS B 175 -15.07 -13.73 -1.31
CA LYS B 175 -14.76 -12.87 -0.17
C LYS B 175 -14.17 -13.69 0.98
N ASP B 176 -15.04 -14.45 1.66
CA ASP B 176 -14.59 -15.29 2.75
C ASP B 176 -13.48 -16.23 2.30
N HIS B 177 -13.62 -16.81 1.10
CA HIS B 177 -12.61 -17.72 0.58
C HIS B 177 -11.23 -17.05 0.52
N ILE B 178 -11.16 -15.88 -0.12
CA ILE B 178 -9.86 -15.21 -0.26
C ILE B 178 -9.26 -14.93 1.10
N HIS B 179 -10.11 -14.54 2.06
CA HIS B 179 -9.61 -14.21 3.40
C HIS B 179 -9.14 -15.45 4.13
N ARG B 180 -9.82 -16.59 3.95
CA ARG B 180 -9.34 -17.83 4.54
C ARG B 180 -7.99 -18.25 3.96
N VAL B 181 -7.81 -18.06 2.65
CA VAL B 181 -6.53 -18.39 2.04
C VAL B 181 -5.45 -17.43 2.51
N LEU B 182 -5.78 -16.13 2.59
CA LEU B 182 -4.85 -15.15 3.15
C LEU B 182 -4.45 -15.53 4.57
N ASP B 183 -5.41 -15.99 5.38
CA ASP B 183 -5.07 -16.52 6.69
C ASP B 183 -4.15 -17.73 6.58
N LYS B 184 -4.42 -18.62 5.62
CA LYS B 184 -3.52 -19.76 5.41
C LYS B 184 -2.10 -19.31 5.13
N ILE B 185 -1.93 -18.25 4.34
CA ILE B 185 -0.58 -17.81 4.00
C ILE B 185 0.10 -17.16 5.20
N THR B 186 -0.65 -16.40 6.01
CA THR B 186 -0.09 -15.91 7.27
C THR B 186 0.44 -17.06 8.12
N ASP B 187 -0.38 -18.11 8.28
CA ASP B 187 0.08 -19.30 9.01
C ASP B 187 1.40 -19.79 8.42
N THR B 188 1.48 -19.81 7.09
CA THR B 188 2.68 -20.33 6.44
C THR B 188 3.89 -19.44 6.69
N LEU B 189 3.70 -18.12 6.67
CA LEU B 189 4.80 -17.21 6.96
C LEU B 189 5.31 -17.42 8.38
N ILE B 190 4.41 -17.43 9.36
CA ILE B 190 4.80 -17.72 10.74
C ILE B 190 5.55 -19.06 10.82
N HIS B 191 4.97 -20.10 10.21
CA HIS B 191 5.61 -21.41 10.15
C HIS B 191 7.06 -21.32 9.66
N LEU B 192 7.31 -20.54 8.59
CA LEU B 192 8.68 -20.41 8.09
C LEU B 192 9.59 -19.74 9.11
N MET B 193 9.07 -18.75 9.83
CA MET B 193 9.91 -18.04 10.78
C MET B 193 10.14 -18.85 12.04
N ALA B 194 9.16 -19.67 12.44
CA ALA B 194 9.41 -20.57 13.56
C ALA B 194 10.40 -21.68 13.16
N LYS B 195 10.25 -22.22 11.95
CA LYS B 195 11.20 -23.23 11.48
C LYS B 195 12.63 -22.68 11.44
N ALA B 196 12.78 -21.39 11.16
CA ALA B 196 14.06 -20.71 11.15
C ALA B 196 14.55 -20.33 12.54
N GLY B 197 13.83 -20.70 13.59
CA GLY B 197 14.30 -20.50 14.95
C GLY B 197 13.92 -19.19 15.60
N LEU B 198 13.11 -18.35 14.97
CA LEU B 198 12.76 -17.07 15.56
C LEU B 198 11.87 -17.25 16.79
N THR B 199 12.09 -16.40 17.79
CA THR B 199 11.21 -16.40 18.95
C THR B 199 9.82 -15.87 18.56
N LEU B 200 8.87 -16.04 19.49
CA LEU B 200 7.50 -15.58 19.25
C LEU B 200 7.46 -14.09 18.94
N GLN B 201 8.17 -13.28 19.75
CA GLN B 201 8.21 -11.84 19.51
C GLN B 201 8.86 -11.51 18.18
N GLN B 202 9.99 -12.16 17.86
CA GLN B 202 10.62 -11.94 16.57
C GLN B 202 9.69 -12.33 15.42
N GLN B 203 8.90 -13.40 15.61
CA GLN B 203 7.95 -13.79 14.57
C GLN B 203 6.92 -12.70 14.29
N HIS B 204 6.23 -12.19 15.32
CA HIS B 204 5.18 -11.22 15.01
C HIS B 204 5.77 -9.87 14.60
N GLN B 205 6.89 -9.46 15.19
CA GLN B 205 7.57 -8.26 14.69
C GLN B 205 7.96 -8.42 13.22
N ARG B 206 8.48 -9.60 12.83
CA ARG B 206 8.92 -9.77 11.45
C ARG B 206 7.74 -9.84 10.50
N LEU B 207 6.65 -10.53 10.92
CA LEU B 207 5.44 -10.54 10.11
C LEU B 207 4.98 -9.11 9.81
N ALA B 208 5.02 -8.25 10.83
CA ALA B 208 4.56 -6.87 10.65
C ALA B 208 5.45 -6.09 9.72
N GLN B 209 6.77 -6.21 9.89
CA GLN B 209 7.72 -5.51 9.01
C GLN B 209 7.47 -5.86 7.55
N LEU B 210 7.31 -7.15 7.25
CA LEU B 210 7.12 -7.58 5.88
C LEU B 210 5.83 -7.03 5.30
N LEU B 211 4.74 -7.16 6.04
CA LEU B 211 3.46 -6.71 5.51
C LEU B 211 3.42 -5.20 5.31
N LEU B 212 4.10 -4.43 6.17
CA LEU B 212 4.16 -2.97 6.00
C LEU B 212 4.85 -2.58 4.71
N ILE B 213 5.83 -3.38 4.26
CA ILE B 213 6.48 -3.12 2.98
C ILE B 213 5.47 -3.25 1.83
N LEU B 214 4.45 -4.11 1.98
CA LEU B 214 3.42 -4.23 0.94
C LEU B 214 2.68 -2.91 0.73
N SER B 215 2.56 -2.08 1.76
CA SER B 215 2.03 -0.73 1.58
CA SER B 215 2.01 -0.75 1.56
C SER B 215 2.91 0.08 0.62
N HIS B 216 4.22 -0.01 0.79
CA HIS B 216 5.13 0.72 -0.09
CA HIS B 216 5.13 0.72 -0.09
C HIS B 216 5.09 0.16 -1.51
N ILE B 217 5.00 -1.16 -1.63
CA ILE B 217 4.92 -1.75 -2.96
C ILE B 217 3.66 -1.28 -3.68
N ARG B 218 2.54 -1.20 -2.96
CA ARG B 218 1.33 -0.64 -3.54
C ARG B 218 1.53 0.80 -3.98
N HIS B 219 2.23 1.59 -3.16
CA HIS B 219 2.46 2.97 -3.51
C HIS B 219 3.28 3.06 -4.79
N MET B 220 4.31 2.23 -4.91
CA MET B 220 5.16 2.25 -6.10
C MET B 220 4.39 1.84 -7.34
N SER B 221 3.52 0.84 -7.21
CA SER B 221 2.69 0.42 -8.34
C SER B 221 1.75 1.55 -8.76
N ASN B 222 1.09 2.19 -7.80
CA ASN B 222 0.22 3.32 -8.14
C ASN B 222 0.99 4.42 -8.86
N LYS B 223 2.19 4.76 -8.35
CA LYS B 223 2.99 5.79 -9.03
C LYS B 223 3.44 5.31 -10.41
N GLY B 224 3.87 4.06 -10.51
CA GLY B 224 4.33 3.54 -11.79
C GLY B 224 3.22 3.47 -12.81
N MET B 225 2.02 3.14 -12.35
CA MET B 225 0.87 3.08 -13.25
C MET B 225 0.57 4.44 -13.88
N GLU B 226 0.60 5.51 -13.07
CA GLU B 226 0.50 6.88 -13.59
C GLU B 226 1.52 7.16 -14.69
N HIS B 227 2.80 6.91 -14.41
CA HIS B 227 3.83 7.22 -15.39
C HIS B 227 3.71 6.32 -16.61
N LEU B 228 3.19 5.10 -16.45
CA LEU B 228 2.97 4.23 -17.60
C LEU B 228 1.84 4.74 -18.48
N TYR B 229 0.76 5.21 -17.87
CA TYR B 229 -0.32 5.79 -18.65
C TYR B 229 0.13 7.10 -19.30
N SER B 230 0.94 7.88 -18.59
CA SER B 230 1.53 9.07 -19.19
C SER B 230 2.34 8.69 -20.43
N MET B 231 3.24 7.71 -20.30
CA MET B 231 4.06 7.33 -21.43
C MET B 231 3.22 6.76 -22.57
N LYS B 232 2.10 6.13 -22.26
CA LYS B 232 1.18 5.67 -23.29
C LYS B 232 0.58 6.84 -24.07
N CSO B 233 0.19 7.92 -23.39
CA CSO B 233 -0.34 9.10 -24.09
CA CSO B 233 -0.33 9.08 -24.12
CB CSO B 233 -1.08 10.04 -23.13
CB CSO B 233 -1.13 10.05 -23.23
SG CSO B 233 -2.71 9.37 -22.72
SG CSO B 233 -2.41 9.20 -22.31
C CSO B 233 0.72 9.88 -24.88
O CSO B 233 0.39 10.61 -25.81
OD CSO B 233 -3.98 10.43 -23.39
OD CSO B 233 -3.01 10.30 -21.06
N LYS B 234 1.99 9.73 -24.48
CA LYS B 234 3.10 10.36 -25.20
C LYS B 234 3.40 9.57 -26.47
N ASN B 235 2.77 8.40 -26.60
CA ASN B 235 2.98 7.45 -27.69
C ASN B 235 4.48 7.22 -27.96
N VAL B 236 5.26 7.10 -26.88
CA VAL B 236 6.70 6.96 -27.00
C VAL B 236 7.06 5.63 -27.65
N VAL B 237 6.36 4.57 -27.28
CA VAL B 237 6.64 3.21 -27.76
C VAL B 237 5.29 2.54 -27.98
N PRO B 238 5.15 1.71 -29.01
CA PRO B 238 3.97 0.83 -29.08
C PRO B 238 3.95 -0.12 -27.89
N LEU B 239 2.82 -0.13 -27.19
CA LEU B 239 2.58 -1.08 -26.12
C LEU B 239 1.76 -2.25 -26.64
N SER B 240 2.09 -3.45 -26.16
CA SER B 240 1.29 -4.61 -26.52
C SER B 240 -0.15 -4.41 -26.09
N ASP B 241 -1.06 -5.06 -26.81
CA ASP B 241 -2.47 -5.01 -26.41
C ASP B 241 -2.68 -5.56 -25.01
N LEU B 242 -1.94 -6.62 -24.65
CA LEU B 242 -2.05 -7.15 -23.28
C LEU B 242 -1.62 -6.10 -22.27
N LEU B 243 -0.49 -5.45 -22.52
CA LEU B 243 -0.04 -4.44 -21.56
C LEU B 243 -1.03 -3.29 -21.52
N LEU B 244 -1.57 -2.90 -22.69
CA LEU B 244 -2.55 -1.83 -22.75
C LEU B 244 -3.79 -2.17 -21.91
N GLU B 245 -4.28 -3.40 -22.04
CA GLU B 245 -5.48 -3.77 -21.30
C GLU B 245 -5.23 -3.83 -19.81
N MET B 246 -4.04 -4.28 -19.39
CA MET B 246 -3.73 -4.31 -17.97
C MET B 246 -3.63 -2.89 -17.41
N LEU B 247 -3.11 -1.95 -18.20
CA LEU B 247 -3.03 -0.57 -17.79
C LEU B 247 -4.40 0.08 -17.77
N ASP B 248 -5.18 -0.14 -18.83
CA ASP B 248 -6.51 0.46 -18.91
C ASP B 248 -7.40 0.05 -17.75
N ALA B 249 -7.20 -1.16 -17.21
CA ALA B 249 -8.01 -1.64 -16.10
C ALA B 249 -7.91 -0.72 -14.87
N HIS B 250 -6.82 0.02 -14.74
CA HIS B 250 -6.64 1.00 -13.68
C HIS B 250 -7.08 2.40 -14.06
N ARG B 251 -7.81 2.58 -15.16
CA ARG B 251 -8.18 3.93 -15.58
C ARG B 251 -9.67 4.17 -15.43
N LYS C 3 6.48 27.42 3.90
CA LYS C 3 5.70 26.18 3.92
C LYS C 3 4.76 26.16 5.14
N ILE C 4 3.45 26.08 4.89
CA ILE C 4 2.47 26.17 5.97
C ILE C 4 2.67 25.04 6.97
N LEU C 5 2.91 23.81 6.46
CA LEU C 5 3.07 22.66 7.33
C LEU C 5 4.30 22.79 8.22
N HIS C 6 5.39 23.31 7.67
CA HIS C 6 6.63 23.45 8.44
C HIS C 6 6.40 24.28 9.72
N ARG C 7 5.71 25.40 9.61
CA ARG C 7 5.60 26.26 10.78
C ARG C 7 4.48 25.82 11.72
N LEU C 8 3.39 25.26 11.20
CA LEU C 8 2.39 24.67 12.09
C LEU C 8 3.01 23.61 12.99
N LEU C 9 3.98 22.86 12.46
CA LEU C 9 4.67 21.89 13.28
C LEU C 9 5.57 22.55 14.32
N GLN C 10 6.04 23.79 14.05
CA GLN C 10 7.03 24.43 14.92
C GLN C 10 6.40 24.99 16.19
N GLU C 11 5.24 25.65 16.12
CA GLU C 11 4.50 25.97 17.34
C GLU C 11 3.30 25.02 17.48
N HIS D 2 -14.16 -8.87 -24.26
CA HIS D 2 -13.21 -9.85 -24.79
C HIS D 2 -11.77 -9.48 -24.42
N LYS D 3 -11.47 -9.43 -23.12
CA LYS D 3 -10.12 -9.16 -22.69
C LYS D 3 -9.18 -10.31 -23.04
N ILE D 4 -7.93 -9.98 -23.35
CA ILE D 4 -6.93 -11.02 -23.54
C ILE D 4 -6.70 -11.81 -22.26
N LEU D 5 -6.71 -11.11 -21.12
CA LEU D 5 -6.53 -11.79 -19.84
C LEU D 5 -7.55 -12.91 -19.67
N HIS D 6 -8.80 -12.65 -20.08
CA HIS D 6 -9.84 -13.68 -20.06
C HIS D 6 -9.38 -14.91 -20.81
N ARG D 7 -8.90 -14.71 -22.04
CA ARG D 7 -8.44 -15.84 -22.84
C ARG D 7 -7.27 -16.53 -22.18
N LEU D 8 -6.26 -15.75 -21.75
CA LEU D 8 -5.04 -16.38 -21.24
C LEU D 8 -5.28 -17.15 -19.96
N LEU D 9 -6.20 -16.67 -19.11
CA LEU D 9 -6.49 -17.40 -17.87
C LEU D 9 -7.15 -18.75 -18.17
N GLN D 10 -7.83 -18.89 -19.31
CA GLN D 10 -8.38 -20.18 -19.73
C GLN D 10 -7.33 -21.07 -20.40
N GLU D 11 -6.13 -20.55 -20.63
CA GLU D 11 -4.97 -21.26 -21.18
C GLU D 11 -5.18 -21.47 -22.67
C2 QSO E . -11.78 14.89 1.28
C4 QSO E . -11.63 12.53 1.68
O4 QSO E . -12.19 13.39 7.18
C4A QSO E . -11.78 12.81 3.06
C8A QSO E . -11.91 14.08 3.53
C7 QSO E . -12.06 13.22 5.81
C6 QSO E . -11.90 11.92 5.31
C5 QSO E . -11.77 11.70 3.95
C8 QSO E . -12.06 14.31 4.93
C3 QSO E . -11.56 13.60 0.78
O1 QSO E . -11.90 15.15 2.62
C1' QSO E . -11.55 13.33 -0.58
O2 QSO E . -11.58 11.40 1.31
C2' QSO E . -12.59 12.59 -1.13
C3' QSO E . -12.62 12.30 -2.49
C4' QSO E . -11.59 12.76 -3.29
C5' QSO E . -10.55 13.50 -2.75
C6' QSO E . -10.53 13.79 -1.40
O5 QSO E . -11.63 12.48 -4.67
O3 QSO E . -11.63 10.41 3.43
CM QSO E . -12.23 13.49 -5.42
C2 QSO F . 7.96 -2.07 -16.57
C4 QSO F . 8.48 -1.80 -14.28
O4 QSO F . 10.01 -7.16 -13.98
C4A QSO F . 8.84 -3.16 -14.28
C8A QSO F . 8.86 -3.92 -15.40
C7 QSO F . 9.61 -5.83 -14.11
C6 QSO F . 9.60 -5.04 -12.95
C5 QSO F . 9.22 -3.72 -13.04
C8 QSO F . 9.25 -5.30 -15.34
C3 QSO F . 8.15 -1.20 -15.50
O1 QSO F . 8.48 -3.33 -16.59
C1' QSO F . 7.72 0.11 -15.65
O2 QSO F . 8.49 -1.20 -13.26
C2' QSO F . 7.06 0.82 -14.65
C3' QSO F . 6.65 2.12 -14.88
C4' QSO F . 6.87 2.73 -16.10
C5' QSO F . 7.52 2.03 -17.10
C6' QSO F . 7.94 0.73 -16.87
O5 QSO F . 6.45 4.05 -16.33
O3 QSO F . 9.18 -2.87 -11.96
CM QSO F . 6.97 4.70 -17.46
C1 GOL G . 12.91 -19.08 -4.47
O1 GOL G . 13.98 -19.15 -3.54
C2 GOL G . 13.35 -18.26 -5.68
O2 GOL G . 14.54 -17.55 -5.36
C3 GOL G . 12.27 -17.25 -6.03
O3 GOL G . 12.02 -17.33 -7.42
C1 EDO H . -0.13 -26.82 8.76
O1 EDO H . -1.20 -27.56 9.37
C2 EDO H . 1.23 -27.47 9.05
O2 EDO H . 1.91 -26.76 10.09
C1 GOL I . 14.72 -14.80 9.48
O1 GOL I . 16.05 -14.52 9.10
C2 GOL I . 14.32 -16.17 8.92
O2 GOL I . 15.18 -16.50 7.84
C3 GOL I . 12.84 -16.22 8.48
O3 GOL I . 12.57 -17.39 7.72
#